data_5OT9
#
_entry.id   5OT9
#
_cell.length_a   113.810
_cell.length_b   113.810
_cell.length_c   37.850
_cell.angle_alpha   90.00
_cell.angle_beta   90.00
_cell.angle_gamma   120.00
#
_symmetry.space_group_name_H-M   'P 32'
#
loop_
_entity.id
_entity.type
_entity.pdbx_description
1 polymer 'Nopaline-binding periplasmic protein'
2 non-polymer 1,2-ETHANEDIOL
3 non-polymer Histopine
4 water water
#
_entity_poly.entity_id   1
_entity_poly.type   'polypeptide(L)'
_entity_poly.pdbx_seq_one_letter_code
;MKDYKSITIATEGSYAPYNFKDAGGKLIGFDIDLGNDLCKRMNIECKFVEQAWDGIIPSLTAGRYDAIMAAMGIQPAREK
VIAFSRPYLLTPMTFLTTADSPLLKTQVAIENLPLDNITPEQKAELDKFTKIFEGVKFGVQAGTSHEAFMKQMMPSVQIS
TYDTIDNVVMDLKAGRIDASLASVSFLKPLTDKPDNKDLKMFGPRMTGGLFGKGVGVGIRKEDADLKALFDKAIDAAIAD
GTVQKLSQQWFGYDASPKQHHHHHH
;
_entity_poly.pdbx_strand_id   A,B
#
loop_
_chem_comp.id
_chem_comp.type
_chem_comp.name
_chem_comp.formula
AOZ non-polymer Histopine 'C9 H13 N3 O4'
EDO non-polymer 1,2-ETHANEDIOL 'C2 H6 O2'
#
# COMPACT_ATOMS: atom_id res chain seq x y z
N TYR A 4 35.91 9.06 -5.09
CA TYR A 4 34.74 8.23 -4.92
C TYR A 4 34.33 7.48 -6.19
N LYS A 5 34.04 6.17 -6.03
CA LYS A 5 33.62 5.27 -7.11
C LYS A 5 32.38 4.47 -6.70
N SER A 6 32.29 4.09 -5.41
CA SER A 6 31.16 3.35 -4.85
C SER A 6 30.85 3.77 -3.42
N ILE A 7 29.57 3.99 -3.10
CA ILE A 7 29.13 4.35 -1.73
C ILE A 7 28.02 3.45 -1.22
N THR A 8 27.97 3.29 0.10
CA THR A 8 26.93 2.53 0.80
C THR A 8 26.04 3.56 1.50
N ILE A 9 24.75 3.55 1.15
CA ILE A 9 23.75 4.44 1.73
C ILE A 9 22.83 3.64 2.64
N ALA A 10 22.72 4.05 3.91
CA ALA A 10 21.84 3.39 4.87
C ALA A 10 20.46 4.01 4.87
N THR A 11 19.48 3.16 5.10
CA THR A 11 18.07 3.51 5.17
C THR A 11 17.42 2.66 6.27
N GLU A 12 16.29 3.11 6.80
CA GLU A 12 15.59 2.42 7.88
C GLU A 12 14.90 1.13 7.40
N GLY A 13 14.18 1.21 6.28
CA GLY A 13 13.46 0.07 5.70
C GLY A 13 12.07 -0.13 6.27
N SER A 14 11.63 0.80 7.14
CA SER A 14 10.32 0.75 7.78
C SER A 14 9.68 2.14 7.98
N TYR A 15 9.75 2.98 6.94
CA TYR A 15 9.18 4.33 6.93
C TYR A 15 8.57 4.62 5.56
N ALA A 16 7.43 3.98 5.26
CA ALA A 16 6.71 4.18 3.99
C ALA A 16 6.13 5.61 3.90
N PRO A 17 6.16 6.30 2.74
CA PRO A 17 6.68 5.85 1.44
C PRO A 17 8.12 6.26 1.14
N TYR A 18 8.87 6.72 2.16
CA TYR A 18 10.27 7.14 2.00
C TYR A 18 11.18 5.94 1.76
N ASN A 19 11.07 4.93 2.62
CA ASN A 19 11.87 3.71 2.60
C ASN A 19 11.15 2.58 3.32
N PHE A 20 10.92 1.48 2.61
CA PHE A 20 10.23 0.31 3.14
C PHE A 20 10.59 -0.91 2.28
N LYS A 21 10.00 -2.06 2.61
CA LYS A 21 10.29 -3.28 1.87
C LYS A 21 9.09 -3.77 1.08
N ASP A 22 9.32 -4.15 -0.20
CA ASP A 22 8.27 -4.68 -1.05
C ASP A 22 7.98 -6.17 -0.71
N ALA A 23 7.21 -6.88 -1.58
CA ALA A 23 6.86 -8.28 -1.35
C ALA A 23 8.08 -9.21 -1.28
N GLY A 24 9.05 -9.01 -2.19
CA GLY A 24 10.29 -9.79 -2.25
C GLY A 24 11.32 -9.45 -1.17
N GLY A 25 11.06 -8.37 -0.42
CA GLY A 25 11.92 -7.89 0.65
C GLY A 25 12.92 -6.83 0.22
N LYS A 26 12.85 -6.40 -1.05
CA LYS A 26 13.72 -5.38 -1.65
C LYS A 26 13.41 -4.00 -1.07
N LEU A 27 14.45 -3.21 -0.79
CA LEU A 27 14.30 -1.85 -0.28
C LEU A 27 13.82 -0.95 -1.42
N ILE A 28 12.70 -0.26 -1.18
CA ILE A 28 12.05 0.63 -2.15
C ILE A 28 11.56 1.89 -1.46
N GLY A 29 11.12 2.86 -2.26
CA GLY A 29 10.63 4.13 -1.74
C GLY A 29 11.28 5.34 -2.37
N PHE A 30 10.82 6.54 -1.96
CA PHE A 30 11.31 7.84 -2.42
C PHE A 30 12.83 7.97 -2.23
N ASP A 31 13.33 7.66 -1.01
CA ASP A 31 14.77 7.73 -0.67
C ASP A 31 15.62 6.83 -1.53
N ILE A 32 15.10 5.63 -1.84
CA ILE A 32 15.77 4.64 -2.68
C ILE A 32 15.82 5.10 -4.15
N ASP A 33 14.69 5.60 -4.68
CA ASP A 33 14.61 6.12 -6.05
C ASP A 33 15.49 7.36 -6.21
N LEU A 34 15.40 8.31 -5.28
CA LEU A 34 16.22 9.52 -5.30
C LEU A 34 17.70 9.20 -5.11
N GLY A 35 18.01 8.31 -4.17
CA GLY A 35 19.37 7.84 -3.91
C GLY A 35 20.07 7.36 -5.18
N ASN A 36 19.42 6.45 -5.92
CA ASN A 36 19.91 5.89 -7.17
C ASN A 36 20.02 6.95 -8.28
N ASP A 37 19.09 7.92 -8.31
CA ASP A 37 19.09 9.02 -9.28
C ASP A 37 20.29 9.96 -9.05
N LEU A 38 20.50 10.38 -7.77
CA LEU A 38 21.59 11.26 -7.35
C LEU A 38 22.96 10.65 -7.65
N CYS A 39 23.13 9.35 -7.36
CA CYS A 39 24.38 8.62 -7.59
C CYS A 39 24.74 8.50 -9.07
N LYS A 40 23.71 8.43 -9.94
CA LYS A 40 23.87 8.38 -11.40
C LYS A 40 24.39 9.76 -11.88
N ARG A 41 23.88 10.86 -11.28
CA ARG A 41 24.30 12.24 -11.57
C ARG A 41 25.73 12.51 -11.07
N MET A 42 26.14 11.81 -10.00
CA MET A 42 27.45 11.92 -9.35
C MET A 42 28.49 10.97 -9.96
N ASN A 43 28.04 10.01 -10.80
CA ASN A 43 28.85 8.97 -11.44
C ASN A 43 29.54 8.09 -10.35
N ILE A 44 28.71 7.61 -9.40
CA ILE A 44 29.09 6.75 -8.26
C ILE A 44 28.21 5.48 -8.28
N GLU A 45 28.77 4.33 -7.85
CA GLU A 45 28.01 3.09 -7.68
C GLU A 45 27.19 3.20 -6.38
N CYS A 46 25.91 2.84 -6.45
CA CYS A 46 24.98 2.96 -5.33
C CYS A 46 24.58 1.62 -4.71
N LYS A 47 24.80 1.47 -3.40
CA LYS A 47 24.46 0.27 -2.63
C LYS A 47 23.61 0.68 -1.42
N PHE A 48 22.37 0.18 -1.33
CA PHE A 48 21.47 0.48 -0.22
C PHE A 48 21.46 -0.63 0.82
N VAL A 49 21.56 -0.26 2.11
CA VAL A 49 21.56 -1.20 3.24
C VAL A 49 20.52 -0.83 4.29
N GLU A 50 19.91 -1.84 4.94
CA GLU A 50 18.93 -1.64 5.99
C GLU A 50 19.66 -1.45 7.32
N GLN A 51 19.23 -0.44 8.08
CA GLN A 51 19.79 -0.07 9.39
C GLN A 51 18.67 0.38 10.30
N ALA A 52 18.63 -0.14 11.53
CA ALA A 52 17.66 0.26 12.55
C ALA A 52 17.96 1.71 12.97
N TRP A 53 16.90 2.52 13.11
CA TRP A 53 16.95 3.94 13.47
C TRP A 53 17.82 4.24 14.69
N ASP A 54 17.77 3.38 15.73
CA ASP A 54 18.56 3.56 16.96
C ASP A 54 20.06 3.86 16.72
N GLY A 55 20.72 3.06 15.90
CA GLY A 55 22.13 3.24 15.60
C GLY A 55 22.46 3.78 14.22
N ILE A 56 21.52 4.50 13.57
CA ILE A 56 21.72 5.04 12.21
C ILE A 56 22.84 6.12 12.13
N ILE A 57 22.84 7.08 13.06
CA ILE A 57 23.83 8.16 13.11
C ILE A 57 25.20 7.60 13.61
N PRO A 58 25.29 6.86 14.77
CA PRO A 58 26.59 6.32 15.19
C PRO A 58 27.26 5.33 14.23
N SER A 59 26.47 4.53 13.45
CA SER A 59 27.04 3.60 12.47
C SER A 59 27.63 4.34 11.27
N LEU A 60 27.12 5.56 10.97
CA LEU A 60 27.65 6.42 9.92
C LEU A 60 29.01 6.98 10.39
N THR A 61 29.07 7.55 11.61
CA THR A 61 30.29 8.11 12.19
C THR A 61 31.35 7.04 12.42
N ALA A 62 30.92 5.79 12.69
CA ALA A 62 31.81 4.64 12.88
C ALA A 62 32.38 4.10 11.54
N GLY A 63 31.80 4.51 10.41
CA GLY A 63 32.25 4.15 9.07
C GLY A 63 31.68 2.88 8.48
N ARG A 64 30.51 2.45 8.99
CA ARG A 64 29.85 1.22 8.53
C ARG A 64 29.23 1.37 7.14
N TYR A 65 29.02 2.62 6.71
CA TYR A 65 28.49 3.08 5.43
C TYR A 65 28.82 4.58 5.25
N ASP A 66 28.63 5.14 4.04
CA ASP A 66 29.03 6.52 3.70
C ASP A 66 27.98 7.63 3.78
N ALA A 67 26.69 7.27 3.69
CA ALA A 67 25.58 8.24 3.74
C ALA A 67 24.29 7.67 4.34
N ILE A 68 23.39 8.56 4.80
CA ILE A 68 22.07 8.20 5.34
C ILE A 68 21.00 8.90 4.50
N MET A 69 20.05 8.12 3.94
CA MET A 69 18.88 8.63 3.22
C MET A 69 17.72 7.86 3.81
N ALA A 70 17.20 8.36 4.94
CA ALA A 70 16.15 7.68 5.69
C ALA A 70 15.14 8.66 6.30
N ALA A 71 14.55 9.55 5.48
CA ALA A 71 13.57 10.56 5.91
C ALA A 71 14.11 11.39 7.09
N MET A 72 15.42 11.68 7.07
CA MET A 72 16.06 12.38 8.18
C MET A 72 15.99 13.90 8.09
N GLY A 73 15.30 14.48 9.06
CA GLY A 73 15.17 15.92 9.19
C GLY A 73 16.51 16.54 9.56
N ILE A 74 16.86 17.67 8.91
CA ILE A 74 18.09 18.40 9.17
C ILE A 74 17.84 19.19 10.43
N GLN A 75 17.93 18.51 11.56
CA GLN A 75 17.67 19.15 12.81
C GLN A 75 18.95 19.58 13.53
N PRO A 76 18.88 20.72 14.26
CA PRO A 76 20.08 21.27 14.92
C PRO A 76 20.86 20.33 15.84
N ALA A 77 20.16 19.44 16.57
CA ALA A 77 20.78 18.47 17.48
C ALA A 77 21.60 17.44 16.67
N ARG A 78 21.08 17.02 15.50
CA ARG A 78 21.75 16.09 14.59
C ARG A 78 22.98 16.74 13.93
N GLU A 79 22.88 18.04 13.56
CA GLU A 79 23.99 18.84 12.97
C GLU A 79 25.20 18.89 13.88
N LYS A 80 25.01 18.69 15.18
CA LYS A 80 26.10 18.67 16.17
C LYS A 80 26.99 17.43 15.98
N VAL A 81 26.43 16.36 15.41
CA VAL A 81 27.10 15.07 15.22
C VAL A 81 27.52 14.82 13.78
N ILE A 82 26.63 15.07 12.84
CA ILE A 82 26.88 14.77 11.41
C ILE A 82 26.60 16.00 10.55
N ALA A 83 26.98 15.90 9.27
CA ALA A 83 26.71 16.93 8.30
C ALA A 83 25.51 16.51 7.44
N PHE A 84 24.86 17.50 6.85
CA PHE A 84 23.74 17.22 5.96
C PHE A 84 23.98 17.85 4.64
N SER A 85 23.37 17.28 3.62
CA SER A 85 23.37 17.87 2.30
C SER A 85 22.33 19.01 2.33
N ARG A 86 22.07 19.57 1.17
CA ARG A 86 21.03 20.56 0.91
C ARG A 86 19.69 19.76 1.09
N PRO A 87 18.61 20.38 1.61
CA PRO A 87 17.34 19.62 1.74
C PRO A 87 16.80 19.12 0.39
N TYR A 88 16.35 17.86 0.35
CA TYR A 88 15.79 17.29 -0.88
C TYR A 88 14.28 17.22 -0.84
N LEU A 89 13.70 17.59 0.32
CA LEU A 89 12.26 17.60 0.55
C LEU A 89 11.95 18.56 1.68
N LEU A 90 10.86 19.31 1.55
CA LEU A 90 10.42 20.26 2.58
C LEU A 90 9.07 19.81 3.07
N THR A 91 8.94 19.61 4.37
CA THR A 91 7.69 19.14 4.93
C THR A 91 7.34 19.71 6.30
N PRO A 92 6.10 20.23 6.48
CA PRO A 92 5.69 20.62 7.82
C PRO A 92 5.29 19.40 8.65
N MET A 93 5.09 19.61 9.95
CA MET A 93 4.71 18.56 10.89
C MET A 93 3.30 18.81 11.34
N THR A 94 2.52 17.75 11.54
CA THR A 94 1.14 17.88 12.01
C THR A 94 0.75 16.71 12.92
N PHE A 95 -0.45 16.76 13.50
CA PHE A 95 -0.94 15.73 14.41
C PHE A 95 -1.84 14.72 13.72
N LEU A 96 -1.93 13.52 14.30
CA LEU A 96 -2.74 12.42 13.79
C LEU A 96 -3.58 11.85 14.91
N THR A 97 -4.86 11.54 14.61
CA THR A 97 -5.80 10.89 15.53
C THR A 97 -6.77 10.01 14.73
N THR A 98 -7.83 9.53 15.40
CA THR A 98 -8.88 8.72 14.79
C THR A 98 -9.98 9.64 14.21
N ALA A 99 -10.74 9.13 13.23
CA ALA A 99 -11.80 9.86 12.54
C ALA A 99 -12.98 10.23 13.44
N ASP A 100 -13.18 9.48 14.54
CA ASP A 100 -14.27 9.72 15.51
C ASP A 100 -13.80 10.49 16.76
N SER A 101 -12.52 10.90 16.79
CA SER A 101 -11.91 11.59 17.92
C SER A 101 -12.43 13.02 18.10
N PRO A 102 -12.84 13.39 19.35
CA PRO A 102 -13.30 14.76 19.58
C PRO A 102 -12.23 15.82 19.33
N LEU A 103 -10.92 15.42 19.35
CA LEU A 103 -9.75 16.26 19.07
C LEU A 103 -9.86 16.98 17.72
N LEU A 104 -10.55 16.35 16.76
CA LEU A 104 -10.77 16.89 15.42
C LEU A 104 -11.60 18.17 15.39
N LYS A 105 -12.38 18.43 16.46
CA LYS A 105 -13.28 19.60 16.57
C LYS A 105 -12.54 20.86 17.07
N THR A 106 -11.26 20.71 17.50
CA THR A 106 -10.41 21.80 17.99
C THR A 106 -10.15 22.80 16.88
N GLN A 107 -10.30 24.08 17.21
CA GLN A 107 -10.09 25.19 16.30
C GLN A 107 -8.60 25.45 16.12
N VAL A 108 -8.19 25.66 14.86
CA VAL A 108 -6.79 25.96 14.51
C VAL A 108 -6.73 27.46 14.18
N ALA A 109 -6.12 28.25 15.07
CA ALA A 109 -5.98 29.69 14.92
C ALA A 109 -4.82 30.01 13.94
N ILE A 110 -3.74 29.23 14.01
CA ILE A 110 -2.56 29.40 13.16
C ILE A 110 -2.36 28.10 12.37
N GLU A 111 -2.77 28.13 11.08
CA GLU A 111 -2.66 27.01 10.14
C GLU A 111 -1.20 26.59 9.92
N ASN A 112 -0.34 27.57 9.63
CA ASN A 112 1.09 27.39 9.38
C ASN A 112 1.90 28.00 10.51
N LEU A 113 2.37 27.15 11.44
CA LEU A 113 3.09 27.54 12.65
C LEU A 113 4.64 27.42 12.57
N PRO A 114 5.40 28.52 12.31
CA PRO A 114 6.87 28.40 12.30
C PRO A 114 7.41 28.46 13.74
N LEU A 115 8.34 27.56 14.08
CA LEU A 115 8.87 27.47 15.45
C LEU A 115 10.26 28.08 15.67
N ASP A 116 10.83 28.73 14.64
CA ASP A 116 12.16 29.36 14.71
C ASP A 116 12.24 30.46 15.75
N ASN A 117 11.17 31.29 15.85
CA ASN A 117 11.08 32.40 16.81
C ASN A 117 9.64 32.55 17.33
N ILE A 118 9.26 31.68 18.29
CA ILE A 118 7.93 31.63 18.93
C ILE A 118 7.53 32.98 19.58
N THR A 119 6.53 33.65 18.99
CA THR A 119 6.00 34.91 19.50
C THR A 119 4.99 34.58 20.61
N PRO A 120 4.54 35.54 21.47
CA PRO A 120 3.54 35.20 22.50
C PRO A 120 2.27 34.56 21.93
N GLU A 121 1.93 34.90 20.66
CA GLU A 121 0.77 34.38 19.94
C GLU A 121 0.94 32.92 19.52
N GLN A 122 2.16 32.55 19.12
CA GLN A 122 2.49 31.19 18.71
C GLN A 122 2.60 30.31 19.93
N LYS A 123 3.09 30.88 21.05
CA LYS A 123 3.21 30.16 22.32
C LYS A 123 1.81 29.83 22.83
N ALA A 124 0.87 30.78 22.65
CA ALA A 124 -0.52 30.66 23.03
C ALA A 124 -1.20 29.52 22.30
N GLU A 125 -0.92 29.34 20.98
CA GLU A 125 -1.49 28.29 20.16
C GLU A 125 -0.92 26.92 20.58
N LEU A 126 0.39 26.88 20.86
CA LEU A 126 1.11 25.71 21.35
C LEU A 126 0.53 25.28 22.70
N ASP A 127 0.30 26.25 23.62
CA ASP A 127 -0.25 25.99 24.96
C ASP A 127 -1.71 25.52 24.97
N LYS A 128 -2.50 25.97 23.98
CA LYS A 128 -3.89 25.56 23.76
C LYS A 128 -3.89 24.06 23.53
N PHE A 129 -3.06 23.59 22.57
CA PHE A 129 -2.92 22.19 22.19
C PHE A 129 -2.38 21.33 23.29
N THR A 130 -1.32 21.81 23.99
CA THR A 130 -0.74 21.14 25.17
C THR A 130 -1.88 20.84 26.17
N LYS A 131 -2.69 21.86 26.50
CA LYS A 131 -3.81 21.74 27.45
C LYS A 131 -4.92 20.78 27.04
N ILE A 132 -5.21 20.72 25.74
CA ILE A 132 -6.19 19.79 25.15
C ILE A 132 -5.62 18.35 25.22
N PHE A 133 -4.29 18.23 25.05
CA PHE A 133 -3.53 16.99 25.02
C PHE A 133 -3.24 16.33 26.37
N GLU A 134 -3.63 16.98 27.49
CA GLU A 134 -3.44 16.43 28.83
C GLU A 134 -4.51 15.35 28.99
N GLY A 135 -4.14 14.22 29.58
CA GLY A 135 -5.06 13.10 29.74
C GLY A 135 -5.09 12.19 28.51
N VAL A 136 -4.86 12.80 27.30
CA VAL A 136 -4.77 12.15 25.98
C VAL A 136 -3.44 11.34 25.93
N LYS A 137 -3.51 10.03 25.56
CA LYS A 137 -2.33 9.16 25.44
C LYS A 137 -1.66 9.44 24.08
N PHE A 138 -0.40 9.86 24.12
CA PHE A 138 0.36 10.18 22.91
C PHE A 138 1.41 9.12 22.58
N GLY A 139 1.54 8.83 21.30
CA GLY A 139 2.50 7.85 20.80
C GLY A 139 3.38 8.44 19.73
N VAL A 140 4.69 8.18 19.81
CA VAL A 140 5.72 8.65 18.84
C VAL A 140 6.81 7.60 18.69
N GLN A 141 7.52 7.60 17.55
CA GLN A 141 8.66 6.72 17.34
C GLN A 141 9.83 7.30 18.15
N ALA A 142 10.60 6.44 18.83
CA ALA A 142 11.76 6.84 19.62
C ALA A 142 12.87 7.37 18.70
N GLY A 143 13.63 8.34 19.18
CA GLY A 143 14.75 8.97 18.47
C GLY A 143 14.36 9.84 17.30
N THR A 144 13.12 10.33 17.28
CA THR A 144 12.63 11.21 16.21
C THR A 144 12.49 12.64 16.69
N SER A 145 12.34 13.60 15.75
CA SER A 145 12.10 15.02 16.00
C SER A 145 10.72 15.18 16.67
N HIS A 146 9.84 14.16 16.49
CA HIS A 146 8.49 14.08 17.05
C HIS A 146 8.57 13.92 18.57
N GLU A 147 9.48 13.04 19.03
CA GLU A 147 9.77 12.76 20.44
C GLU A 147 10.40 14.01 21.06
N ALA A 148 11.37 14.63 20.35
CA ALA A 148 12.07 15.83 20.79
C ALA A 148 11.10 16.99 21.00
N PHE A 149 10.17 17.19 20.05
CA PHE A 149 9.14 18.23 20.13
C PHE A 149 8.26 18.00 21.35
N MET A 150 7.79 16.75 21.53
CA MET A 150 6.94 16.37 22.65
C MET A 150 7.61 16.54 24.00
N LYS A 151 8.90 16.18 24.12
CA LYS A 151 9.63 16.29 25.39
C LYS A 151 9.97 17.73 25.75
N GLN A 152 10.24 18.56 24.73
CA GLN A 152 10.64 19.97 24.90
C GLN A 152 9.50 20.97 24.86
N MET A 153 8.54 20.81 23.93
CA MET A 153 7.45 21.76 23.71
C MET A 153 6.17 21.41 24.45
N MET A 154 5.90 20.11 24.66
CA MET A 154 4.72 19.61 25.36
C MET A 154 5.11 18.61 26.48
N PRO A 155 6.01 18.97 27.44
CA PRO A 155 6.44 17.98 28.45
C PRO A 155 5.37 17.41 29.38
N SER A 156 4.29 18.18 29.64
CA SER A 156 3.18 17.78 30.51
C SER A 156 2.29 16.71 29.86
N VAL A 157 2.46 16.45 28.56
CA VAL A 157 1.70 15.46 27.80
C VAL A 157 2.40 14.09 27.91
N GLN A 158 1.62 13.03 28.25
CA GLN A 158 2.18 11.69 28.36
C GLN A 158 2.46 11.08 27.02
N ILE A 159 3.71 10.68 26.83
CA ILE A 159 4.13 10.06 25.58
C ILE A 159 4.68 8.65 25.80
N SER A 160 4.39 7.78 24.84
CA SER A 160 4.87 6.42 24.77
C SER A 160 5.74 6.40 23.51
N THR A 161 6.96 5.88 23.62
CA THR A 161 7.88 5.79 22.50
C THR A 161 7.88 4.39 21.94
N TYR A 162 7.90 4.30 20.62
CA TYR A 162 7.86 3.05 19.86
C TYR A 162 9.13 2.83 19.04
N ASP A 163 9.40 1.57 18.73
CA ASP A 163 10.53 1.09 17.94
C ASP A 163 10.42 1.64 16.53
N THR A 164 9.28 1.40 15.86
CA THR A 164 9.00 1.88 14.51
C THR A 164 7.66 2.64 14.46
N ILE A 165 7.44 3.44 13.40
CA ILE A 165 6.21 4.20 13.19
C ILE A 165 4.99 3.29 12.93
N ASP A 166 5.23 2.07 12.40
CA ASP A 166 4.21 1.06 12.11
C ASP A 166 3.56 0.55 13.40
N ASN A 167 4.34 0.53 14.52
CA ASN A 167 3.87 0.15 15.85
C ASN A 167 2.97 1.27 16.42
N VAL A 168 3.31 2.56 16.13
CA VAL A 168 2.53 3.74 16.52
C VAL A 168 1.16 3.65 15.85
N VAL A 169 1.16 3.47 14.52
CA VAL A 169 -0.05 3.36 13.69
C VAL A 169 -0.94 2.22 14.19
N MET A 170 -0.34 1.03 14.45
CA MET A 170 -0.99 -0.15 15.01
C MET A 170 -1.78 0.19 16.29
N ASP A 171 -1.07 0.75 17.31
CA ASP A 171 -1.63 1.18 18.60
C ASP A 171 -2.68 2.28 18.52
N LEU A 172 -2.56 3.21 17.55
CA LEU A 172 -3.57 4.27 17.36
C LEU A 172 -4.87 3.65 16.83
N LYS A 173 -4.77 2.77 15.82
CA LYS A 173 -5.91 2.04 15.25
C LYS A 173 -6.54 1.11 16.31
N ALA A 174 -5.69 0.44 17.14
CA ALA A 174 -6.12 -0.46 18.22
C ALA A 174 -6.81 0.26 19.39
N GLY A 175 -6.49 1.54 19.59
CA GLY A 175 -7.06 2.37 20.66
C GLY A 175 -6.21 2.48 21.92
N ARG A 176 -4.98 1.92 21.89
CA ARG A 176 -4.00 1.93 22.98
C ARG A 176 -3.40 3.34 23.15
N ILE A 177 -3.33 4.11 22.05
CA ILE A 177 -2.92 5.52 22.03
C ILE A 177 -4.04 6.35 21.40
N ASP A 178 -4.11 7.65 21.75
CA ASP A 178 -5.18 8.54 21.29
C ASP A 178 -4.80 9.46 20.15
N ALA A 179 -3.50 9.82 20.05
CA ALA A 179 -2.98 10.73 19.04
C ALA A 179 -1.49 10.52 18.80
N SER A 180 -0.99 11.06 17.68
CA SER A 180 0.41 11.02 17.29
C SER A 180 0.84 12.32 16.57
N LEU A 181 2.12 12.38 16.17
CA LEU A 181 2.76 13.48 15.48
C LEU A 181 3.78 12.90 14.49
N ALA A 182 3.80 13.43 13.28
CA ALA A 182 4.73 13.11 12.19
C ALA A 182 4.60 14.19 11.12
N SER A 183 5.38 14.10 10.06
CA SER A 183 5.31 15.09 8.99
C SER A 183 4.13 14.79 8.09
N VAL A 184 3.70 15.82 7.33
CA VAL A 184 2.63 15.73 6.34
C VAL A 184 3.02 14.72 5.25
N SER A 185 4.31 14.65 4.90
CA SER A 185 4.86 13.74 3.88
C SER A 185 4.64 12.26 4.26
N PHE A 186 4.60 11.94 5.55
CA PHE A 186 4.31 10.58 6.03
C PHE A 186 2.78 10.40 6.17
N LEU A 187 2.11 11.38 6.81
CA LEU A 187 0.68 11.36 7.14
C LEU A 187 -0.31 11.48 6.00
N LYS A 188 0.00 12.29 4.98
CA LYS A 188 -0.89 12.38 3.83
C LYS A 188 -0.98 11.03 3.06
N PRO A 189 0.13 10.37 2.66
CA PRO A 189 0.01 9.05 2.00
C PRO A 189 -0.69 8.00 2.87
N LEU A 190 -0.49 8.07 4.20
CA LEU A 190 -1.09 7.20 5.18
C LEU A 190 -2.61 7.40 5.24
N THR A 191 -3.07 8.66 5.34
CA THR A 191 -4.50 9.02 5.40
C THR A 191 -5.19 8.94 4.05
N ASP A 192 -4.44 8.96 2.93
CA ASP A 192 -5.01 8.82 1.57
C ASP A 192 -5.36 7.36 1.29
N LYS A 193 -4.72 6.44 2.00
CA LYS A 193 -4.96 5.00 1.84
C LYS A 193 -6.39 4.66 2.25
N PRO A 194 -7.10 3.76 1.51
CA PRO A 194 -8.49 3.45 1.91
C PRO A 194 -8.56 2.61 3.18
N ASP A 195 -7.47 1.93 3.55
CA ASP A 195 -7.42 1.13 4.78
C ASP A 195 -7.36 2.03 6.03
N ASN A 196 -7.00 3.31 5.84
CA ASN A 196 -6.86 4.28 6.91
C ASN A 196 -7.88 5.43 6.87
N LYS A 197 -9.12 5.13 6.44
CA LYS A 197 -10.23 6.08 6.41
C LYS A 197 -10.65 6.50 7.82
N ASP A 198 -10.26 5.68 8.80
CA ASP A 198 -10.52 5.86 10.23
C ASP A 198 -9.45 6.74 10.93
N LEU A 199 -8.42 7.21 10.19
CA LEU A 199 -7.33 8.05 10.68
C LEU A 199 -7.38 9.43 10.01
N LYS A 200 -7.20 10.52 10.80
CA LYS A 200 -7.27 11.89 10.27
C LYS A 200 -6.19 12.79 10.82
N MET A 201 -5.63 13.65 9.94
CA MET A 201 -4.63 14.67 10.29
C MET A 201 -5.38 15.84 10.90
N PHE A 202 -4.77 16.54 11.88
CA PHE A 202 -5.36 17.70 12.51
C PHE A 202 -4.31 18.59 13.17
N GLY A 203 -4.72 19.83 13.47
CA GLY A 203 -3.90 20.82 14.16
C GLY A 203 -3.08 21.70 13.23
N PRO A 204 -2.21 22.56 13.79
CA PRO A 204 -1.36 23.40 12.93
C PRO A 204 -0.32 22.57 12.18
N ARG A 205 0.21 23.14 11.10
CA ARG A 205 1.28 22.56 10.31
C ARG A 205 2.52 23.35 10.71
N MET A 206 3.40 22.69 11.49
CA MET A 206 4.60 23.28 12.09
C MET A 206 5.88 23.05 11.31
N THR A 207 6.74 24.08 11.28
CA THR A 207 8.04 24.11 10.61
C THR A 207 9.09 24.75 11.54
N GLY A 208 10.38 24.53 11.26
CA GLY A 208 11.46 25.13 12.02
C GLY A 208 11.65 24.67 13.45
N GLY A 209 12.36 25.48 14.22
CA GLY A 209 12.72 25.19 15.60
C GLY A 209 13.56 23.93 15.62
N LEU A 210 13.18 22.99 16.49
CA LEU A 210 13.87 21.71 16.63
C LEU A 210 13.63 20.72 15.47
N PHE A 211 12.69 21.03 14.56
CA PHE A 211 12.41 20.19 13.39
C PHE A 211 13.38 20.51 12.26
N GLY A 212 14.05 21.67 12.37
CA GLY A 212 15.01 22.16 11.39
C GLY A 212 14.36 22.50 10.06
N LYS A 213 15.15 22.47 8.97
CA LYS A 213 14.65 22.78 7.65
C LYS A 213 14.86 21.64 6.65
N GLY A 214 13.77 20.95 6.34
CA GLY A 214 13.74 19.84 5.39
C GLY A 214 14.46 18.55 5.77
N VAL A 215 14.39 17.61 4.82
CA VAL A 215 14.97 16.27 4.87
C VAL A 215 16.22 16.28 3.96
N GLY A 216 17.35 15.87 4.52
CA GLY A 216 18.62 15.83 3.83
C GLY A 216 19.34 14.51 3.94
N VAL A 217 20.51 14.43 3.29
CA VAL A 217 21.38 13.26 3.27
C VAL A 217 22.36 13.41 4.42
N GLY A 218 22.43 12.39 5.28
CA GLY A 218 23.37 12.34 6.40
C GLY A 218 24.73 11.93 5.89
N ILE A 219 25.74 12.77 6.12
CA ILE A 219 27.13 12.57 5.67
C ILE A 219 28.06 12.89 6.85
N ARG A 220 29.22 12.21 6.95
CA ARG A 220 30.21 12.50 7.99
C ARG A 220 30.74 13.91 7.76
N LYS A 221 30.96 14.67 8.85
CA LYS A 221 31.44 16.06 8.81
C LYS A 221 32.74 16.26 8.05
N GLU A 222 33.69 15.30 8.14
CA GLU A 222 34.98 15.35 7.45
C GLU A 222 34.87 15.04 5.95
N ASP A 223 33.73 14.48 5.50
CA ASP A 223 33.48 14.16 4.08
C ASP A 223 32.87 15.36 3.32
N ALA A 224 33.60 16.49 3.30
CA ALA A 224 33.23 17.75 2.65
C ALA A 224 33.00 17.58 1.15
N ASP A 225 33.89 16.80 0.49
CA ASP A 225 33.83 16.49 -0.93
C ASP A 225 32.56 15.70 -1.30
N LEU A 226 32.19 14.71 -0.47
CA LEU A 226 30.96 13.91 -0.67
C LEU A 226 29.69 14.78 -0.53
N LYS A 227 29.69 15.73 0.44
CA LYS A 227 28.60 16.67 0.67
C LYS A 227 28.41 17.60 -0.55
N ALA A 228 29.53 18.18 -1.06
CA ALA A 228 29.59 19.06 -2.23
C ALA A 228 29.02 18.37 -3.48
N LEU A 229 29.29 17.04 -3.63
CA LEU A 229 28.80 16.21 -4.72
C LEU A 229 27.29 16.04 -4.63
N PHE A 230 26.78 15.68 -3.43
CA PHE A 230 25.35 15.48 -3.16
C PHE A 230 24.59 16.79 -3.35
N ASP A 231 25.15 17.92 -2.87
CA ASP A 231 24.56 19.26 -3.02
C ASP A 231 24.39 19.63 -4.48
N LYS A 232 25.41 19.34 -5.32
CA LYS A 232 25.39 19.58 -6.76
C LYS A 232 24.28 18.72 -7.43
N ALA A 233 24.24 17.42 -7.09
CA ALA A 233 23.26 16.44 -7.59
C ALA A 233 21.82 16.79 -7.18
N ILE A 234 21.61 17.22 -5.92
CA ILE A 234 20.30 17.58 -5.39
C ILE A 234 19.74 18.82 -6.10
N ASP A 235 20.56 19.87 -6.27
CA ASP A 235 20.18 21.11 -6.96
C ASP A 235 19.73 20.82 -8.39
N ALA A 236 20.42 19.87 -9.07
CA ALA A 236 20.11 19.46 -10.45
C ALA A 236 18.80 18.67 -10.50
N ALA A 237 18.61 17.72 -9.56
CA ALA A 237 17.41 16.88 -9.43
C ALA A 237 16.16 17.72 -9.11
N ILE A 238 16.32 18.83 -8.35
CA ILE A 238 15.22 19.75 -8.03
C ILE A 238 14.89 20.58 -9.26
N ALA A 239 15.91 21.24 -9.86
CA ALA A 239 15.78 22.11 -11.03
C ALA A 239 15.08 21.47 -12.23
N ASP A 240 15.44 20.21 -12.58
CA ASP A 240 14.86 19.50 -13.73
C ASP A 240 13.47 18.85 -13.45
N GLY A 241 13.04 18.88 -12.19
CA GLY A 241 11.74 18.37 -11.76
C GLY A 241 11.68 16.90 -11.39
N THR A 242 12.86 16.25 -11.21
CA THR A 242 12.97 14.83 -10.82
C THR A 242 12.46 14.62 -9.39
N VAL A 243 12.77 15.56 -8.47
CA VAL A 243 12.33 15.49 -7.07
C VAL A 243 10.81 15.63 -7.01
N GLN A 244 10.26 16.60 -7.75
CA GLN A 244 8.82 16.87 -7.87
C GLN A 244 8.08 15.63 -8.40
N LYS A 245 8.63 14.97 -9.45
CA LYS A 245 8.08 13.77 -10.06
C LYS A 245 8.02 12.62 -9.05
N LEU A 246 9.16 12.30 -8.38
CA LEU A 246 9.24 11.25 -7.37
C LEU A 246 8.38 11.55 -6.15
N SER A 247 8.22 12.85 -5.82
CA SER A 247 7.38 13.31 -4.70
C SER A 247 5.91 13.02 -5.01
N GLN A 248 5.45 13.30 -6.25
CA GLN A 248 4.06 13.04 -6.66
C GLN A 248 3.83 11.52 -6.75
N GLN A 249 4.82 10.80 -7.28
CA GLN A 249 4.82 9.34 -7.45
C GLN A 249 4.75 8.60 -6.10
N TRP A 250 5.45 9.08 -5.07
CA TRP A 250 5.48 8.42 -3.77
C TRP A 250 4.57 9.02 -2.70
N PHE A 251 4.42 10.36 -2.66
CA PHE A 251 3.61 11.02 -1.63
C PHE A 251 2.20 11.42 -2.07
N GLY A 252 1.98 11.53 -3.37
CA GLY A 252 0.70 11.94 -3.94
C GLY A 252 0.50 13.45 -3.98
N TYR A 253 1.61 14.21 -3.80
CA TYR A 253 1.67 15.67 -3.83
C TYR A 253 3.14 16.14 -3.95
N ASP A 254 3.36 17.42 -4.28
CA ASP A 254 4.70 18.00 -4.44
C ASP A 254 5.28 18.57 -3.12
N ALA A 255 6.26 17.87 -2.54
CA ALA A 255 6.97 18.27 -1.32
C ALA A 255 8.44 18.68 -1.61
N SER A 256 8.79 18.89 -2.90
CA SER A 256 10.14 19.28 -3.32
C SER A 256 10.47 20.73 -2.92
N PRO A 257 11.76 21.01 -2.55
CA PRO A 257 12.13 22.39 -2.15
C PRO A 257 12.04 23.46 -3.25
N LYS B 5 -32.22 -12.50 10.14
CA LYS B 5 -31.96 -11.37 11.03
C LYS B 5 -30.46 -11.06 11.12
N SER B 6 -29.61 -12.10 11.11
CA SER B 6 -28.15 -11.98 11.18
C SER B 6 -27.46 -13.04 10.34
N ILE B 7 -26.46 -12.64 9.54
CA ILE B 7 -25.67 -13.58 8.72
C ILE B 7 -24.18 -13.44 8.96
N THR B 8 -23.45 -14.55 8.74
CA THR B 8 -21.99 -14.61 8.83
C THR B 8 -21.47 -14.73 7.40
N ILE B 9 -20.64 -13.77 6.99
CA ILE B 9 -20.03 -13.73 5.67
C ILE B 9 -18.55 -14.03 5.79
N ALA B 10 -18.08 -15.06 5.07
CA ALA B 10 -16.66 -15.42 5.07
C ALA B 10 -15.91 -14.70 3.97
N THR B 11 -14.66 -14.38 4.29
CA THR B 11 -13.72 -13.72 3.40
C THR B 11 -12.34 -14.31 3.63
N GLU B 12 -11.45 -14.19 2.64
CA GLU B 12 -10.10 -14.75 2.70
C GLU B 12 -9.20 -13.98 3.69
N GLY B 13 -9.19 -12.66 3.60
CA GLY B 13 -8.37 -11.80 4.45
C GLY B 13 -6.97 -11.58 3.93
N SER B 14 -6.67 -12.10 2.71
CA SER B 14 -5.36 -11.98 2.07
C SER B 14 -5.46 -11.83 0.54
N TYR B 15 -6.36 -10.96 0.07
CA TYR B 15 -6.56 -10.66 -1.35
C TYR B 15 -6.84 -9.18 -1.54
N ALA B 16 -5.78 -8.34 -1.44
CA ALA B 16 -5.87 -6.89 -1.60
C ALA B 16 -6.15 -6.46 -3.04
N PRO B 17 -7.09 -5.52 -3.31
CA PRO B 17 -7.87 -4.68 -2.38
C PRO B 17 -9.29 -5.16 -2.07
N TYR B 18 -9.62 -6.41 -2.44
CA TYR B 18 -10.94 -7.00 -2.21
C TYR B 18 -11.18 -7.27 -0.73
N ASN B 19 -10.21 -7.95 -0.09
CA ASN B 19 -10.26 -8.34 1.32
C ASN B 19 -8.86 -8.58 1.86
N PHE B 20 -8.48 -7.86 2.90
CA PHE B 20 -7.16 -7.96 3.53
C PHE B 20 -7.23 -7.40 4.95
N LYS B 21 -6.09 -7.37 5.65
CA LYS B 21 -6.05 -6.89 7.02
C LYS B 21 -5.27 -5.59 7.13
N ASP B 22 -5.82 -4.60 7.86
CA ASP B 22 -5.15 -3.31 8.08
C ASP B 22 -4.05 -3.44 9.16
N ALA B 23 -3.52 -2.29 9.66
CA ALA B 23 -2.48 -2.27 10.70
C ALA B 23 -2.93 -2.92 12.02
N GLY B 24 -4.16 -2.65 12.45
CA GLY B 24 -4.75 -3.23 13.67
C GLY B 24 -5.19 -4.68 13.55
N GLY B 25 -5.18 -5.21 12.32
CA GLY B 25 -5.57 -6.58 12.01
C GLY B 25 -7.03 -6.74 11.62
N LYS B 26 -7.76 -5.61 11.50
CA LYS B 26 -9.18 -5.55 11.13
C LYS B 26 -9.36 -5.91 9.66
N LEU B 27 -10.40 -6.72 9.34
CA LEU B 27 -10.73 -7.09 7.96
C LEU B 27 -11.31 -5.87 7.24
N ILE B 28 -10.69 -5.50 6.11
CA ILE B 28 -11.06 -4.35 5.30
C ILE B 28 -10.99 -4.71 3.82
N GLY B 29 -11.47 -3.81 2.97
CA GLY B 29 -11.48 -3.98 1.53
C GLY B 29 -12.84 -3.80 0.89
N PHE B 30 -12.87 -3.89 -0.45
CA PHE B 30 -14.07 -3.76 -1.29
C PHE B 30 -15.18 -4.71 -0.84
N ASP B 31 -14.87 -6.02 -0.67
CA ASP B 31 -15.82 -7.05 -0.24
C ASP B 31 -16.44 -6.76 1.13
N ILE B 32 -15.62 -6.25 2.07
CA ILE B 32 -16.03 -5.87 3.43
C ILE B 32 -16.97 -4.66 3.39
N ASP B 33 -16.58 -3.61 2.64
CA ASP B 33 -17.39 -2.39 2.48
C ASP B 33 -18.72 -2.69 1.79
N LEU B 34 -18.67 -3.44 0.67
CA LEU B 34 -19.87 -3.84 -0.06
C LEU B 34 -20.76 -4.76 0.76
N GLY B 35 -20.15 -5.73 1.44
CA GLY B 35 -20.87 -6.66 2.32
C GLY B 35 -21.74 -5.96 3.34
N ASN B 36 -21.15 -4.99 4.08
CA ASN B 36 -21.83 -4.17 5.08
C ASN B 36 -22.91 -3.28 4.47
N ASP B 37 -22.68 -2.77 3.25
CA ASP B 37 -23.63 -1.94 2.52
C ASP B 37 -24.87 -2.75 2.11
N LEU B 38 -24.65 -3.93 1.51
CA LEU B 38 -25.70 -4.86 1.05
C LEU B 38 -26.59 -5.32 2.21
N CYS B 39 -25.98 -5.65 3.37
CA CYS B 39 -26.69 -6.10 4.56
C CYS B 39 -27.57 -5.01 5.19
N LYS B 40 -27.14 -3.74 5.04
CA LYS B 40 -27.89 -2.58 5.51
C LYS B 40 -29.15 -2.41 4.64
N ARG B 41 -29.02 -2.67 3.32
CA ARG B 41 -30.11 -2.61 2.34
C ARG B 41 -31.11 -3.75 2.57
N MET B 42 -30.63 -4.88 3.13
CA MET B 42 -31.43 -6.06 3.46
C MET B 42 -32.02 -5.93 4.88
N ASN B 43 -31.51 -4.95 5.66
CA ASN B 43 -31.89 -4.66 7.05
C ASN B 43 -31.66 -5.85 8.02
N ILE B 44 -30.51 -6.51 7.85
CA ILE B 44 -30.04 -7.65 8.64
C ILE B 44 -28.60 -7.42 9.13
N GLU B 45 -28.24 -8.02 10.30
CA GLU B 45 -26.91 -7.88 10.92
C GLU B 45 -25.82 -8.60 10.13
N CYS B 46 -24.66 -7.90 9.97
CA CYS B 46 -23.50 -8.37 9.21
C CYS B 46 -22.30 -8.70 10.09
N LYS B 47 -21.80 -9.94 9.97
CA LYS B 47 -20.63 -10.42 10.71
C LYS B 47 -19.62 -11.00 9.72
N PHE B 48 -18.41 -10.42 9.64
CA PHE B 48 -17.36 -10.90 8.75
C PHE B 48 -16.36 -11.78 9.48
N VAL B 49 -16.01 -12.93 8.87
CA VAL B 49 -15.05 -13.89 9.42
C VAL B 49 -13.95 -14.22 8.41
N GLU B 50 -12.73 -14.45 8.92
CA GLU B 50 -11.58 -14.84 8.11
C GLU B 50 -11.62 -16.36 7.90
N GLN B 51 -11.43 -16.79 6.65
CA GLN B 51 -11.43 -18.19 6.24
C GLN B 51 -10.39 -18.40 5.17
N ALA B 52 -9.56 -19.44 5.32
CA ALA B 52 -8.54 -19.79 4.32
C ALA B 52 -9.25 -20.30 3.07
N TRP B 53 -8.77 -19.88 1.88
CA TRP B 53 -9.31 -20.22 0.57
C TRP B 53 -9.55 -21.72 0.36
N ASP B 54 -8.62 -22.58 0.85
CA ASP B 54 -8.71 -24.04 0.72
C ASP B 54 -10.09 -24.62 1.12
N GLY B 55 -10.59 -24.25 2.29
CA GLY B 55 -11.89 -24.72 2.77
C GLY B 55 -13.02 -23.72 2.76
N ILE B 56 -12.96 -22.69 1.89
CA ILE B 56 -13.99 -21.64 1.81
C ILE B 56 -15.37 -22.15 1.32
N ILE B 57 -15.38 -22.96 0.25
CA ILE B 57 -16.61 -23.53 -0.31
C ILE B 57 -17.14 -24.67 0.61
N PRO B 58 -16.33 -25.68 1.04
CA PRO B 58 -16.87 -26.73 1.93
C PRO B 58 -17.38 -26.24 3.30
N SER B 59 -16.78 -25.17 3.87
CA SER B 59 -17.23 -24.62 5.17
C SER B 59 -18.58 -23.90 5.01
N LEU B 60 -18.88 -23.40 3.80
CA LEU B 60 -20.17 -22.77 3.48
C LEU B 60 -21.24 -23.87 3.41
N THR B 61 -20.98 -24.95 2.65
CA THR B 61 -21.89 -26.09 2.49
C THR B 61 -22.12 -26.83 3.81
N ALA B 62 -21.09 -26.81 4.71
CA ALA B 62 -21.17 -27.43 6.04
C ALA B 62 -21.99 -26.58 7.04
N GLY B 63 -22.22 -25.31 6.71
CA GLY B 63 -23.02 -24.39 7.52
C GLY B 63 -22.30 -23.58 8.58
N ARG B 64 -20.96 -23.43 8.48
CA ARG B 64 -20.17 -22.65 9.45
C ARG B 64 -20.41 -21.15 9.33
N TYR B 65 -20.93 -20.72 8.16
CA TYR B 65 -21.32 -19.35 7.82
C TYR B 65 -22.36 -19.38 6.69
N ASP B 66 -23.03 -18.23 6.40
CA ASP B 66 -24.12 -18.15 5.42
C ASP B 66 -23.79 -17.68 4.00
N ALA B 67 -22.69 -16.93 3.83
CA ALA B 67 -22.27 -16.40 2.52
C ALA B 67 -20.76 -16.24 2.37
N ILE B 68 -20.28 -16.17 1.11
CA ILE B 68 -18.86 -15.95 0.77
C ILE B 68 -18.77 -14.69 -0.08
N MET B 69 -17.94 -13.72 0.38
CA MET B 69 -17.62 -12.50 -0.36
C MET B 69 -16.11 -12.40 -0.28
N ALA B 70 -15.43 -13.10 -1.20
CA ALA B 70 -13.98 -13.19 -1.20
C ALA B 70 -13.39 -13.19 -2.62
N ALA B 71 -13.74 -12.17 -3.45
CA ALA B 71 -13.27 -12.04 -4.84
C ALA B 71 -13.53 -13.34 -5.63
N MET B 72 -14.66 -14.00 -5.37
CA MET B 72 -14.99 -15.27 -6.00
C MET B 72 -15.68 -15.14 -7.35
N GLY B 73 -14.99 -15.62 -8.37
CA GLY B 73 -15.49 -15.65 -9.74
C GLY B 73 -16.62 -16.66 -9.85
N ILE B 74 -17.68 -16.27 -10.56
CA ILE B 74 -18.84 -17.13 -10.80
C ILE B 74 -18.41 -18.09 -11.93
N GLN B 75 -17.63 -19.10 -11.52
CA GLN B 75 -17.00 -20.13 -12.32
C GLN B 75 -17.92 -21.36 -12.47
N PRO B 76 -18.10 -21.91 -13.71
CA PRO B 76 -18.99 -23.08 -13.89
C PRO B 76 -18.74 -24.31 -13.00
N ALA B 77 -17.46 -24.58 -12.66
CA ALA B 77 -17.07 -25.69 -11.77
C ALA B 77 -17.57 -25.45 -10.35
N ARG B 78 -17.54 -24.19 -9.88
CA ARG B 78 -18.03 -23.76 -8.55
C ARG B 78 -19.56 -23.86 -8.50
N GLU B 79 -20.22 -23.48 -9.62
CA GLU B 79 -21.67 -23.51 -9.82
C GLU B 79 -22.27 -24.91 -9.63
N LYS B 80 -21.43 -25.96 -9.74
CA LYS B 80 -21.80 -27.36 -9.55
C LYS B 80 -22.00 -27.68 -8.05
N VAL B 81 -21.32 -26.91 -7.17
CA VAL B 81 -21.34 -27.11 -5.72
C VAL B 81 -22.21 -26.09 -4.97
N ILE B 82 -22.06 -24.79 -5.32
CA ILE B 82 -22.81 -23.70 -4.68
C ILE B 82 -23.52 -22.81 -5.69
N ALA B 83 -24.46 -21.99 -5.19
CA ALA B 83 -25.19 -21.04 -6.02
C ALA B 83 -24.49 -19.69 -5.96
N PHE B 84 -24.72 -18.83 -6.96
CA PHE B 84 -24.15 -17.49 -6.98
C PHE B 84 -25.20 -16.42 -7.18
N SER B 85 -24.96 -15.24 -6.58
CA SER B 85 -25.81 -14.08 -6.71
C SER B 85 -25.51 -13.39 -8.05
N ARG B 86 -26.14 -12.22 -8.29
CA ARG B 86 -25.91 -11.39 -9.46
C ARG B 86 -24.43 -10.90 -9.36
N PRO B 87 -23.63 -10.88 -10.47
CA PRO B 87 -22.25 -10.37 -10.34
C PRO B 87 -22.23 -8.95 -9.76
N TYR B 88 -21.32 -8.68 -8.81
CA TYR B 88 -21.19 -7.35 -8.22
C TYR B 88 -19.98 -6.61 -8.77
N LEU B 89 -19.19 -7.29 -9.62
CA LEU B 89 -18.00 -6.75 -10.25
C LEU B 89 -17.69 -7.55 -11.52
N LEU B 90 -17.25 -6.87 -12.58
CA LEU B 90 -16.90 -7.51 -13.85
C LEU B 90 -15.43 -7.24 -14.14
N THR B 91 -14.65 -8.31 -14.37
CA THR B 91 -13.21 -8.17 -14.61
C THR B 91 -12.56 -9.17 -15.60
N PRO B 92 -11.75 -8.68 -16.57
CA PRO B 92 -10.99 -9.62 -17.42
C PRO B 92 -9.74 -10.15 -16.68
N MET B 93 -9.09 -11.15 -17.25
CA MET B 93 -7.88 -11.76 -16.68
C MET B 93 -6.69 -11.44 -17.55
N THR B 94 -5.52 -11.22 -16.94
CA THR B 94 -4.29 -10.94 -17.70
C THR B 94 -3.05 -11.53 -17.02
N PHE B 95 -1.88 -11.43 -17.67
CA PHE B 95 -0.63 -11.96 -17.15
C PHE B 95 0.21 -10.92 -16.43
N LEU B 96 1.09 -11.38 -15.52
CA LEU B 96 1.97 -10.52 -14.75
C LEU B 96 3.40 -11.05 -14.83
N THR B 97 4.37 -10.16 -15.04
CA THR B 97 5.81 -10.45 -15.09
C THR B 97 6.61 -9.23 -14.58
N THR B 98 7.95 -9.35 -14.53
CA THR B 98 8.81 -8.24 -14.11
C THR B 98 8.99 -7.25 -15.26
N ALA B 99 9.32 -5.98 -14.95
CA ALA B 99 9.52 -4.90 -15.92
C ALA B 99 10.71 -5.14 -16.87
N ASP B 100 11.69 -5.98 -16.47
CA ASP B 100 12.88 -6.31 -17.25
C ASP B 100 12.77 -7.65 -18.02
N SER B 101 11.68 -8.39 -17.82
CA SER B 101 11.44 -9.68 -18.46
C SER B 101 11.31 -9.60 -19.99
N PRO B 102 12.01 -10.49 -20.74
CA PRO B 102 11.87 -10.52 -22.22
C PRO B 102 10.46 -10.87 -22.70
N LEU B 103 9.67 -11.56 -21.85
CA LEU B 103 8.26 -11.92 -22.13
C LEU B 103 7.42 -10.70 -22.53
N LEU B 104 7.89 -9.49 -22.14
CA LEU B 104 7.24 -8.20 -22.42
C LEU B 104 7.35 -7.76 -23.88
N LYS B 105 8.34 -8.28 -24.62
CA LYS B 105 8.51 -7.91 -26.01
C LYS B 105 7.52 -8.62 -26.94
N THR B 106 6.74 -9.60 -26.42
CA THR B 106 5.73 -10.35 -27.16
C THR B 106 4.60 -9.42 -27.61
N GLN B 107 4.26 -9.51 -28.90
CA GLN B 107 3.18 -8.72 -29.49
C GLN B 107 1.83 -9.35 -29.17
N VAL B 108 0.84 -8.49 -28.84
CA VAL B 108 -0.53 -8.92 -28.53
C VAL B 108 -1.40 -8.55 -29.74
N ALA B 109 -1.83 -9.58 -30.49
CA ALA B 109 -2.68 -9.41 -31.67
C ALA B 109 -4.14 -9.20 -31.28
N ILE B 110 -4.58 -9.87 -30.20
CA ILE B 110 -5.95 -9.79 -29.68
C ILE B 110 -5.89 -9.24 -28.24
N GLU B 111 -6.19 -7.95 -28.09
CA GLU B 111 -6.19 -7.23 -26.82
C GLU B 111 -7.25 -7.80 -25.87
N ASN B 112 -8.50 -7.97 -26.37
CA ASN B 112 -9.63 -8.50 -25.62
C ASN B 112 -10.00 -9.88 -26.15
N LEU B 113 -9.58 -10.93 -25.42
CA LEU B 113 -9.77 -12.33 -25.79
C LEU B 113 -10.95 -13.04 -25.06
N PRO B 114 -12.14 -13.18 -25.68
CA PRO B 114 -13.24 -13.93 -25.01
C PRO B 114 -13.02 -15.44 -25.20
N LEU B 115 -13.21 -16.23 -24.12
CA LEU B 115 -12.96 -17.68 -24.15
C LEU B 115 -14.20 -18.56 -24.26
N ASP B 116 -15.39 -17.94 -24.44
CA ASP B 116 -16.68 -18.63 -24.57
C ASP B 116 -16.76 -19.47 -25.86
N ASN B 117 -16.26 -18.92 -26.98
CA ASN B 117 -16.23 -19.59 -28.29
C ASN B 117 -14.96 -19.25 -29.08
N ILE B 118 -13.81 -19.77 -28.60
CA ILE B 118 -12.47 -19.56 -29.19
C ILE B 118 -12.44 -19.85 -30.70
N THR B 119 -12.15 -18.81 -31.49
CA THR B 119 -12.03 -18.83 -32.95
C THR B 119 -10.60 -19.27 -33.32
N PRO B 120 -10.28 -19.64 -34.60
CA PRO B 120 -8.89 -20.03 -34.91
C PRO B 120 -7.87 -18.93 -34.63
N GLU B 121 -8.27 -17.65 -34.78
CA GLU B 121 -7.43 -16.45 -34.54
C GLU B 121 -7.11 -16.35 -33.07
N GLN B 122 -8.15 -16.60 -32.23
CA GLN B 122 -8.07 -16.57 -30.76
C GLN B 122 -7.20 -17.71 -30.21
N LYS B 123 -7.28 -18.90 -30.83
CA LYS B 123 -6.47 -20.08 -30.49
C LYS B 123 -4.99 -19.81 -30.81
N ALA B 124 -4.69 -19.18 -31.98
CA ALA B 124 -3.35 -18.83 -32.44
C ALA B 124 -2.61 -17.90 -31.47
N GLU B 125 -3.33 -16.93 -30.87
CA GLU B 125 -2.76 -16.01 -29.89
C GLU B 125 -2.45 -16.74 -28.58
N LEU B 126 -3.34 -17.65 -28.16
CA LEU B 126 -3.20 -18.49 -26.96
C LEU B 126 -1.99 -19.43 -27.04
N ASP B 127 -1.80 -20.08 -28.20
CA ASP B 127 -0.69 -21.00 -28.46
C ASP B 127 0.65 -20.27 -28.50
N LYS B 128 0.65 -19.00 -28.98
CA LYS B 128 1.82 -18.11 -29.05
C LYS B 128 2.33 -17.83 -27.64
N PHE B 129 1.41 -17.63 -26.70
CA PHE B 129 1.72 -17.37 -25.29
C PHE B 129 2.11 -18.63 -24.51
N THR B 130 1.43 -19.76 -24.77
CA THR B 130 1.71 -21.07 -24.15
C THR B 130 3.19 -21.46 -24.41
N LYS B 131 3.65 -21.28 -25.68
CA LYS B 131 5.01 -21.59 -26.13
C LYS B 131 6.09 -20.72 -25.45
N ILE B 132 5.81 -19.41 -25.24
CA ILE B 132 6.77 -18.53 -24.56
C ILE B 132 6.80 -18.75 -23.04
N PHE B 133 5.75 -19.41 -22.50
CA PHE B 133 5.62 -19.74 -21.07
C PHE B 133 6.24 -21.11 -20.73
N GLU B 134 6.48 -21.96 -21.75
CA GLU B 134 7.16 -23.26 -21.59
C GLU B 134 8.63 -22.93 -21.32
N GLY B 135 9.17 -23.52 -20.26
CA GLY B 135 10.54 -23.25 -19.81
C GLY B 135 10.53 -22.18 -18.73
N VAL B 136 9.64 -21.19 -18.90
CA VAL B 136 9.39 -20.10 -17.95
C VAL B 136 8.66 -20.70 -16.74
N LYS B 137 9.07 -20.30 -15.53
CA LYS B 137 8.47 -20.77 -14.29
C LYS B 137 7.21 -19.96 -14.00
N PHE B 138 6.06 -20.65 -13.92
CA PHE B 138 4.78 -19.99 -13.66
C PHE B 138 4.28 -20.24 -12.24
N GLY B 139 3.73 -19.20 -11.63
CA GLY B 139 3.20 -19.27 -10.27
C GLY B 139 1.78 -18.79 -10.21
N VAL B 140 0.91 -19.53 -9.49
CA VAL B 140 -0.51 -19.21 -9.29
C VAL B 140 -0.94 -19.64 -7.89
N GLN B 141 -2.00 -19.02 -7.36
CA GLN B 141 -2.58 -19.42 -6.08
C GLN B 141 -3.39 -20.71 -6.33
N ALA B 142 -3.28 -21.68 -5.42
CA ALA B 142 -4.01 -22.94 -5.52
C ALA B 142 -5.50 -22.70 -5.33
N GLY B 143 -6.31 -23.51 -6.01
CA GLY B 143 -7.77 -23.47 -5.95
C GLY B 143 -8.42 -22.27 -6.60
N THR B 144 -7.74 -21.67 -7.57
CA THR B 144 -8.28 -20.51 -8.28
C THR B 144 -8.65 -20.85 -9.73
N SER B 145 -9.28 -19.89 -10.41
CA SER B 145 -9.65 -19.96 -11.83
C SER B 145 -8.36 -19.84 -12.66
N HIS B 146 -7.31 -19.21 -12.05
CA HIS B 146 -5.99 -19.02 -12.65
C HIS B 146 -5.28 -20.37 -12.82
N GLU B 147 -5.35 -21.24 -11.78
CA GLU B 147 -4.81 -22.60 -11.76
C GLU B 147 -5.58 -23.46 -12.77
N ALA B 148 -6.93 -23.33 -12.78
CA ALA B 148 -7.82 -24.07 -13.70
C ALA B 148 -7.50 -23.73 -15.16
N PHE B 149 -7.29 -22.44 -15.46
CA PHE B 149 -6.94 -21.97 -16.80
C PHE B 149 -5.61 -22.58 -17.22
N MET B 150 -4.60 -22.52 -16.34
CA MET B 150 -3.27 -23.07 -16.59
C MET B 150 -3.27 -24.58 -16.80
N LYS B 151 -4.04 -25.34 -16.00
CA LYS B 151 -4.09 -26.80 -16.14
C LYS B 151 -4.87 -27.26 -17.37
N GLN B 152 -5.90 -26.51 -17.77
CA GLN B 152 -6.76 -26.83 -18.92
C GLN B 152 -6.35 -26.21 -20.24
N MET B 153 -5.96 -24.92 -20.24
CA MET B 153 -5.63 -24.18 -21.46
C MET B 153 -4.15 -24.17 -21.82
N MET B 154 -3.27 -24.24 -20.81
CA MET B 154 -1.82 -24.25 -20.99
C MET B 154 -1.18 -25.44 -20.20
N PRO B 155 -1.62 -26.73 -20.42
CA PRO B 155 -1.06 -27.84 -19.63
C PRO B 155 0.43 -28.11 -19.77
N SER B 156 1.03 -27.76 -20.93
CA SER B 156 2.45 -27.94 -21.21
C SER B 156 3.36 -26.98 -20.40
N VAL B 157 2.75 -25.95 -19.78
CA VAL B 157 3.46 -24.95 -18.97
C VAL B 157 3.56 -25.46 -17.52
N GLN B 158 4.77 -25.50 -16.95
CA GLN B 158 4.98 -25.96 -15.57
C GLN B 158 4.67 -24.87 -14.55
N ILE B 159 3.62 -25.10 -13.76
CA ILE B 159 3.09 -24.20 -12.74
C ILE B 159 3.39 -24.67 -11.33
N SER B 160 3.58 -23.71 -10.43
CA SER B 160 3.79 -23.91 -9.01
C SER B 160 2.58 -23.27 -8.35
N THR B 161 1.92 -23.99 -7.45
CA THR B 161 0.75 -23.49 -6.74
C THR B 161 1.13 -23.01 -5.35
N TYR B 162 0.55 -21.87 -4.96
CA TYR B 162 0.82 -21.21 -3.70
C TYR B 162 -0.42 -21.13 -2.81
N ASP B 163 -0.19 -20.99 -1.50
CA ASP B 163 -1.18 -20.85 -0.45
C ASP B 163 -2.00 -19.57 -0.69
N THR B 164 -1.30 -18.41 -0.79
CA THR B 164 -1.92 -17.10 -1.03
C THR B 164 -1.26 -16.40 -2.22
N ILE B 165 -1.94 -15.37 -2.78
CA ILE B 165 -1.45 -14.56 -3.91
C ILE B 165 -0.22 -13.72 -3.51
N ASP B 166 -0.08 -13.40 -2.21
CA ASP B 166 1.05 -12.63 -1.65
C ASP B 166 2.35 -13.42 -1.74
N ASN B 167 2.26 -14.78 -1.66
CA ASN B 167 3.40 -15.68 -1.82
C ASN B 167 3.83 -15.73 -3.28
N VAL B 168 2.84 -15.67 -4.22
CA VAL B 168 3.05 -15.65 -5.67
C VAL B 168 3.82 -14.35 -6.01
N VAL B 169 3.32 -13.17 -5.54
CA VAL B 169 3.91 -11.84 -5.75
C VAL B 169 5.34 -11.82 -5.19
N MET B 170 5.55 -12.34 -3.95
CA MET B 170 6.83 -12.45 -3.26
C MET B 170 7.88 -13.11 -4.15
N ASP B 171 7.58 -14.35 -4.58
CA ASP B 171 8.42 -15.20 -5.42
C ASP B 171 8.73 -14.57 -6.79
N LEU B 172 7.78 -13.80 -7.38
CA LEU B 172 8.00 -13.11 -8.65
C LEU B 172 8.94 -11.91 -8.45
N LYS B 173 8.76 -11.18 -7.33
CA LYS B 173 9.60 -10.04 -6.95
C LYS B 173 11.00 -10.50 -6.51
N ALA B 174 11.12 -11.76 -6.05
CA ALA B 174 12.38 -12.38 -5.62
C ALA B 174 13.12 -13.12 -6.76
N GLY B 175 12.37 -13.57 -7.77
CA GLY B 175 12.94 -14.27 -8.91
C GLY B 175 12.77 -15.78 -8.92
N ARG B 176 12.02 -16.35 -7.94
CA ARG B 176 11.73 -17.78 -7.85
C ARG B 176 10.80 -18.22 -9.00
N ILE B 177 9.88 -17.32 -9.40
CA ILE B 177 8.95 -17.52 -10.52
C ILE B 177 9.17 -16.40 -11.54
N ASP B 178 8.83 -16.68 -12.82
CA ASP B 178 9.05 -15.76 -13.93
C ASP B 178 7.81 -14.99 -14.36
N ALA B 179 6.61 -15.57 -14.18
CA ALA B 179 5.33 -14.96 -14.55
C ALA B 179 4.16 -15.50 -13.74
N SER B 180 3.03 -14.78 -13.77
CA SER B 180 1.79 -15.17 -13.11
C SER B 180 0.55 -14.76 -13.93
N LEU B 181 -0.64 -15.08 -13.40
CA LEU B 181 -1.95 -14.81 -13.97
C LEU B 181 -2.92 -14.46 -12.84
N ALA B 182 -3.74 -13.43 -13.08
CA ALA B 182 -4.77 -12.91 -12.15
C ALA B 182 -5.69 -11.95 -12.94
N SER B 183 -6.74 -11.41 -12.26
CA SER B 183 -7.66 -10.45 -12.90
C SER B 183 -7.04 -9.06 -12.90
N VAL B 184 -7.55 -8.19 -13.80
CA VAL B 184 -7.14 -6.78 -13.91
C VAL B 184 -7.49 -6.05 -12.61
N SER B 185 -8.61 -6.43 -11.96
CA SER B 185 -9.05 -5.84 -10.68
C SER B 185 -8.04 -6.04 -9.55
N PHE B 186 -7.26 -7.13 -9.60
CA PHE B 186 -6.20 -7.38 -8.62
C PHE B 186 -4.88 -6.71 -9.09
N LEU B 187 -4.53 -6.93 -10.37
CA LEU B 187 -3.28 -6.49 -11.02
C LEU B 187 -3.12 -5.01 -11.25
N LYS B 188 -4.19 -4.28 -11.62
CA LYS B 188 -4.09 -2.83 -11.81
C LYS B 188 -3.77 -2.13 -10.46
N PRO B 189 -4.49 -2.36 -9.33
CA PRO B 189 -4.09 -1.71 -8.06
C PRO B 189 -2.66 -2.05 -7.64
N LEU B 190 -2.23 -3.31 -7.92
CA LEU B 190 -0.90 -3.82 -7.61
C LEU B 190 0.17 -3.08 -8.42
N THR B 191 -0.02 -2.98 -9.76
CA THR B 191 0.92 -2.31 -10.67
C THR B 191 0.82 -0.80 -10.63
N ASP B 192 -0.31 -0.23 -10.14
CA ASP B 192 -0.44 1.22 -10.00
C ASP B 192 0.42 1.70 -8.83
N LYS B 193 0.62 0.84 -7.79
CA LYS B 193 1.43 1.16 -6.60
C LYS B 193 2.86 1.53 -7.00
N PRO B 194 3.48 2.57 -6.37
CA PRO B 194 4.86 2.91 -6.74
C PRO B 194 5.85 1.81 -6.32
N ASP B 195 5.40 0.95 -5.40
CA ASP B 195 6.08 -0.22 -4.84
C ASP B 195 6.38 -1.20 -5.98
N ASN B 196 5.41 -1.36 -6.88
CA ASN B 196 5.48 -2.30 -7.98
C ASN B 196 5.70 -1.71 -9.38
N LYS B 197 6.65 -0.73 -9.51
CA LYS B 197 7.05 -0.14 -10.80
C LYS B 197 7.86 -1.18 -11.60
N ASP B 198 8.42 -2.18 -10.88
CA ASP B 198 9.23 -3.29 -11.41
C ASP B 198 8.35 -4.47 -11.87
N LEU B 199 7.02 -4.34 -11.71
CA LEU B 199 6.04 -5.35 -12.15
C LEU B 199 5.18 -4.74 -13.23
N LYS B 200 4.85 -5.56 -14.23
CA LYS B 200 4.06 -5.12 -15.38
C LYS B 200 3.05 -6.16 -15.79
N MET B 201 1.84 -5.70 -16.15
CA MET B 201 0.77 -6.54 -16.71
C MET B 201 1.09 -6.69 -18.19
N PHE B 202 0.81 -7.86 -18.77
CA PHE B 202 1.04 -8.09 -20.19
C PHE B 202 0.13 -9.19 -20.72
N GLY B 203 0.05 -9.26 -22.04
CA GLY B 203 -0.73 -10.25 -22.77
C GLY B 203 -2.16 -9.83 -23.01
N PRO B 204 -2.98 -10.74 -23.59
CA PRO B 204 -4.38 -10.41 -23.81
C PRO B 204 -5.17 -10.31 -22.50
N ARG B 205 -6.32 -9.63 -22.55
CA ARG B 205 -7.25 -9.50 -21.43
C ARG B 205 -8.39 -10.46 -21.76
N MET B 206 -8.42 -11.59 -21.03
CA MET B 206 -9.32 -12.71 -21.23
C MET B 206 -10.57 -12.69 -20.37
N THR B 207 -11.71 -13.08 -20.96
CA THR B 207 -13.03 -13.16 -20.34
C THR B 207 -13.72 -14.46 -20.69
N GLY B 208 -14.76 -14.78 -19.92
CA GLY B 208 -15.61 -15.94 -20.08
C GLY B 208 -14.89 -17.26 -19.91
N GLY B 209 -15.46 -18.30 -20.52
CA GLY B 209 -14.94 -19.66 -20.47
C GLY B 209 -14.96 -20.19 -19.05
N LEU B 210 -13.86 -20.79 -18.62
CA LEU B 210 -13.73 -21.32 -17.25
C LEU B 210 -13.60 -20.21 -16.17
N PHE B 211 -13.44 -18.94 -16.58
CA PHE B 211 -13.36 -17.80 -15.66
C PHE B 211 -14.78 -17.33 -15.28
N GLY B 212 -15.77 -17.76 -16.06
CA GLY B 212 -17.18 -17.40 -15.88
C GLY B 212 -17.43 -15.92 -16.12
N LYS B 213 -18.54 -15.42 -15.55
CA LYS B 213 -18.91 -14.01 -15.69
C LYS B 213 -19.04 -13.29 -14.34
N GLY B 214 -18.03 -12.47 -14.06
CA GLY B 214 -17.96 -11.64 -12.87
C GLY B 214 -17.73 -12.34 -11.54
N VAL B 215 -17.67 -11.50 -10.48
CA VAL B 215 -17.47 -11.85 -9.09
C VAL B 215 -18.83 -11.72 -8.38
N GLY B 216 -19.25 -12.80 -7.72
CA GLY B 216 -20.52 -12.85 -7.00
C GLY B 216 -20.40 -13.33 -5.58
N VAL B 217 -21.54 -13.37 -4.88
CA VAL B 217 -21.66 -13.82 -3.49
C VAL B 217 -21.95 -15.32 -3.53
N GLY B 218 -21.13 -16.11 -2.83
CA GLY B 218 -21.29 -17.55 -2.74
C GLY B 218 -22.33 -17.90 -1.70
N ILE B 219 -23.46 -18.47 -2.13
CA ILE B 219 -24.59 -18.85 -1.27
C ILE B 219 -24.90 -20.34 -1.45
N ARG B 220 -25.38 -21.03 -0.38
CA ARG B 220 -25.79 -22.44 -0.50
C ARG B 220 -26.96 -22.52 -1.48
N LYS B 221 -26.98 -23.57 -2.32
CA LYS B 221 -28.00 -23.78 -3.36
C LYS B 221 -29.45 -23.80 -2.84
N GLU B 222 -29.66 -24.38 -1.63
CA GLU B 222 -30.98 -24.46 -1.00
C GLU B 222 -31.45 -23.12 -0.41
N ASP B 223 -30.53 -22.13 -0.26
CA ASP B 223 -30.84 -20.79 0.27
C ASP B 223 -31.27 -19.82 -0.84
N ALA B 224 -32.37 -20.18 -1.56
CA ALA B 224 -32.97 -19.42 -2.65
C ALA B 224 -33.43 -18.02 -2.20
N ASP B 225 -34.03 -17.94 -0.99
CA ASP B 225 -34.50 -16.70 -0.38
C ASP B 225 -33.35 -15.73 -0.10
N LEU B 226 -32.22 -16.24 0.43
CA LEU B 226 -31.02 -15.43 0.71
C LEU B 226 -30.40 -14.87 -0.58
N LYS B 227 -30.41 -15.68 -1.67
CA LYS B 227 -29.91 -15.29 -2.99
C LYS B 227 -30.77 -14.15 -3.57
N ALA B 228 -32.12 -14.29 -3.51
CA ALA B 228 -33.11 -13.32 -3.96
C ALA B 228 -32.93 -11.97 -3.26
N LEU B 229 -32.58 -11.99 -1.95
CA LEU B 229 -32.32 -10.82 -1.12
C LEU B 229 -31.04 -10.10 -1.58
N PHE B 230 -29.94 -10.87 -1.76
CA PHE B 230 -28.66 -10.36 -2.23
C PHE B 230 -28.78 -9.77 -3.63
N ASP B 231 -29.51 -10.46 -4.54
CA ASP B 231 -29.75 -10.02 -5.91
C ASP B 231 -30.46 -8.66 -5.94
N LYS B 232 -31.48 -8.48 -5.06
CA LYS B 232 -32.23 -7.24 -4.92
C LYS B 232 -31.29 -6.11 -4.43
N ALA B 233 -30.49 -6.40 -3.38
CA ALA B 233 -29.51 -5.48 -2.78
C ALA B 233 -28.39 -5.08 -3.76
N ILE B 234 -27.85 -6.04 -4.53
CA ILE B 234 -26.79 -5.81 -5.51
C ILE B 234 -27.27 -4.89 -6.64
N ASP B 235 -28.48 -5.16 -7.20
CA ASP B 235 -29.07 -4.36 -8.27
C ASP B 235 -29.25 -2.91 -7.84
N ALA B 236 -29.65 -2.69 -6.56
CA ALA B 236 -29.83 -1.37 -5.97
C ALA B 236 -28.49 -0.64 -5.77
N ALA B 237 -27.47 -1.37 -5.26
CA ALA B 237 -26.11 -0.85 -5.03
C ALA B 237 -25.42 -0.46 -6.34
N ILE B 238 -25.72 -1.19 -7.45
CA ILE B 238 -25.17 -0.90 -8.78
C ILE B 238 -25.88 0.35 -9.34
N ALA B 239 -27.23 0.33 -9.35
CA ALA B 239 -28.07 1.41 -9.88
C ALA B 239 -27.80 2.80 -9.28
N ASP B 240 -27.62 2.90 -7.96
CA ASP B 240 -27.35 4.17 -7.27
C ASP B 240 -25.89 4.64 -7.32
N GLY B 241 -25.00 3.78 -7.84
CA GLY B 241 -23.58 4.08 -8.02
C GLY B 241 -22.67 3.77 -6.84
N THR B 242 -23.16 3.01 -5.85
CA THR B 242 -22.41 2.60 -4.65
C THR B 242 -21.27 1.64 -5.03
N VAL B 243 -21.55 0.70 -5.96
CA VAL B 243 -20.54 -0.27 -6.42
C VAL B 243 -19.42 0.47 -7.18
N GLN B 244 -19.81 1.40 -8.07
CA GLN B 244 -18.89 2.25 -8.85
C GLN B 244 -17.98 3.08 -7.93
N LYS B 245 -18.57 3.67 -6.87
CA LYS B 245 -17.86 4.48 -5.87
C LYS B 245 -16.80 3.64 -5.14
N LEU B 246 -17.23 2.48 -4.57
CA LEU B 246 -16.33 1.56 -3.86
C LEU B 246 -15.27 0.96 -4.77
N SER B 247 -15.61 0.77 -6.07
CA SER B 247 -14.69 0.25 -7.09
C SER B 247 -13.57 1.28 -7.35
N GLN B 248 -13.92 2.57 -7.47
CA GLN B 248 -12.93 3.64 -7.69
C GLN B 248 -12.08 3.82 -6.43
N GLN B 249 -12.73 3.77 -5.25
CA GLN B 249 -12.13 3.90 -3.94
C GLN B 249 -11.11 2.79 -3.65
N TRP B 250 -11.41 1.53 -4.06
CA TRP B 250 -10.52 0.40 -3.80
C TRP B 250 -9.63 -0.03 -4.96
N PHE B 251 -10.13 0.01 -6.20
CA PHE B 251 -9.36 -0.45 -7.37
C PHE B 251 -8.67 0.66 -8.17
N GLY B 252 -9.15 1.90 -8.02
CA GLY B 252 -8.63 3.04 -8.76
C GLY B 252 -9.22 3.18 -10.16
N TYR B 253 -10.33 2.47 -10.43
CA TYR B 253 -11.08 2.46 -11.68
C TYR B 253 -12.46 1.82 -11.47
N ASP B 254 -13.38 1.99 -12.44
CA ASP B 254 -14.73 1.44 -12.36
C ASP B 254 -14.85 0.02 -12.97
N ALA B 255 -15.00 -1.00 -12.09
CA ALA B 255 -15.17 -2.40 -12.48
C ALA B 255 -16.60 -2.91 -12.19
N SER B 256 -17.54 -1.99 -11.89
CA SER B 256 -18.95 -2.32 -11.60
C SER B 256 -19.70 -2.82 -12.84
N PRO B 257 -20.64 -3.78 -12.67
CA PRO B 257 -21.38 -4.31 -13.84
C PRO B 257 -22.32 -3.30 -14.51
C1 EDO C . 17.74 13.20 17.81
O1 EDO C . 18.46 14.37 18.21
C2 EDO C . 16.20 13.43 17.89
O2 EDO C . 15.63 12.83 19.05
C1 EDO D . 19.78 24.77 10.36
O1 EDO D . 18.80 23.74 10.46
C2 EDO D . 20.44 24.72 8.96
O2 EDO D . 21.66 25.45 8.97
O AOZ E . 7.89 12.25 9.23
C AOZ E . 8.92 12.90 9.59
CA AOZ E . 10.31 12.61 8.99
CB AOZ E . 10.48 13.34 7.68
N AOZ E . 11.45 12.90 9.88
CAI AOZ E . 11.50 12.36 11.23
CAE AOZ E . 12.85 12.58 11.87
OAB AOZ E . 13.80 13.02 11.18
OAF AOZ E . 13.01 12.37 13.12
CAK AOZ E . 10.94 10.97 11.49
CAL AOZ E . 11.66 9.75 10.95
NAN AOZ E . 11.58 8.51 11.47
CAP AOZ E . 12.53 9.64 9.87
CAQ AOZ E . 12.32 7.68 10.76
NAQ AOZ E . 12.89 8.36 9.77
OXT AOZ E . 8.85 13.80 10.45
C1 EDO F . -13.59 24.67 23.03
O1 EDO F . -14.38 24.12 24.09
C2 EDO F . -12.18 24.02 22.96
O2 EDO F . -12.20 22.70 22.43
C1 EDO G . 7.48 3.69 26.15
O1 EDO G . 7.70 5.03 26.57
C2 EDO G . 6.59 2.89 27.16
O2 EDO G . 5.34 3.53 27.37
C1 EDO H . -7.23 0.72 26.69
O1 EDO H . -7.47 0.24 25.37
C2 EDO H . -5.82 1.38 26.77
O2 EDO H . -4.80 0.40 26.56
O AOZ I . -9.37 -13.44 -10.72
C AOZ I . -9.11 -12.85 -9.64
CA AOZ I . -10.11 -12.96 -8.49
CB AOZ I . -11.17 -11.90 -8.67
N AOZ I . -10.77 -14.27 -8.37
CAI AOZ I . -9.98 -15.48 -8.34
CAE AOZ I . -10.85 -16.71 -8.07
OAB AOZ I . -12.11 -16.61 -7.99
OAF AOZ I . -10.33 -17.85 -7.93
CAK AOZ I . -8.76 -15.46 -7.43
CAL AOZ I . -9.01 -15.41 -5.95
NAN AOZ I . -8.22 -15.94 -5.00
CAP AOZ I . -10.07 -14.78 -5.27
CAQ AOZ I . -8.75 -15.69 -3.82
NAQ AOZ I . -9.85 -14.98 -3.95
OXT AOZ I . -8.04 -12.18 -9.51
#